data_8OMT
#
_entry.id   8OMT
#
_cell.length_a   77.130
_cell.length_b   77.130
_cell.length_c   37.260
_cell.angle_alpha   90.000
_cell.angle_beta   90.000
_cell.angle_gamma   90.000
#
_symmetry.space_group_name_H-M   'P 43 21 2'
#
loop_
_entity.id
_entity.type
_entity.pdbx_description
1 polymer 'Lysozyme C'
2 non-polymer 'SODIUM ION'
3 non-polymer '4-(2-HYDROXYETHYL)-1-PIPERAZINE ETHANESULFONIC ACID'
4 non-polymer bis-[(1-methyl-2-ethyl-3-hydroxy-4(1H)-pyridinone)]-V(IV)O2
5 non-polymer 1-methyl-2-ethyl-3-hydroxy-4(1H)-pyridinone)V(IV)O4
6 water water
#
_entity_poly.entity_id   1
_entity_poly.type   'polypeptide(L)'
_entity_poly.pdbx_seq_one_letter_code
;KVFGRCELAAAMKRHGLDNYRGYSLGNWVCAAKFESNFNTQATNRNTDGSTDYGILQINSRWWCNDGRTPGSRNLCNIPC
SALLSSDITASVNCAKKIVSDGNGMNAWVAWRNRCKGTDVQAWIRGCRL
;
_entity_poly.pdbx_strand_id   AAA
#
loop_
_chem_comp.id
_chem_comp.type
_chem_comp.name
_chem_comp.formula
EPE non-polymer '4-(2-HYDROXYETHYL)-1-PIPERAZINE ETHANESULFONIC ACID' 'C8 H18 N2 O4 S'
NA non-polymer 'SODIUM ION' 'Na 1'
VTU non-polymer bis-[(1-methyl-2-ethyl-3-hydroxy-4(1H)-pyridinone)]-V(IV)O2 'C16 H20 N2 O6 V 2'
VTZ non-polymer 1-methyl-2-ethyl-3-hydroxy-4(1H)-pyridinone)V(IV)O4 'C8 H10 N O6 V'
#
# COMPACT_ATOMS: atom_id res chain seq x y z
N LYS A 1 10.76 -8.52 3.11
CA LYS A 1 9.98 -9.63 3.70
C LYS A 1 8.84 -9.94 2.72
N VAL A 2 8.63 -11.22 2.41
CA VAL A 2 7.47 -11.62 1.65
C VAL A 2 6.45 -12.17 2.62
N PHE A 3 5.41 -11.41 2.86
CA PHE A 3 4.32 -11.81 3.75
C PHE A 3 3.50 -12.95 3.16
N GLY A 4 2.96 -13.76 4.05
CA GLY A 4 1.78 -14.57 3.69
C GLY A 4 0.52 -13.73 3.73
N ARG A 5 -0.54 -14.22 3.10
CA ARG A 5 -1.79 -13.42 3.00
C ARG A 5 -2.39 -13.24 4.38
N CYS A 6 -2.43 -14.30 5.20
CA CYS A 6 -3.03 -14.18 6.52
C CYS A 6 -2.13 -13.43 7.48
N GLU A 7 -0.82 -13.62 7.34
CA GLU A 7 0.13 -12.84 8.08
C GLU A 7 -0.08 -11.34 7.84
N LEU A 8 -0.22 -10.97 6.56
CA LEU A 8 -0.42 -9.57 6.19
C LEU A 8 -1.76 -9.09 6.67
N ALA A 9 -2.80 -9.92 6.52
CA ALA A 9 -4.13 -9.52 7.03
C ALA A 9 -4.05 -9.16 8.51
N ALA A 10 -3.35 -9.99 9.29
CA ALA A 10 -3.24 -9.75 10.72
C ALA A 10 -2.51 -8.43 10.98
N ALA A 11 -1.43 -8.16 10.25
CA ALA A 11 -0.64 -6.94 10.45
C ALA A 11 -1.47 -5.72 10.04
N MET A 12 -2.18 -5.81 8.94
CA MET A 12 -2.99 -4.67 8.48
C MET A 12 -4.14 -4.39 9.47
N LYS A 13 -4.73 -5.48 10.00
CA LYS A 13 -5.78 -5.34 10.98
C LYS A 13 -5.19 -4.70 12.27
N ARG A 14 -4.05 -5.19 12.72
CA ARG A 14 -3.35 -4.65 13.94
C ARG A 14 -3.25 -3.10 13.82
N HIS A 15 -2.86 -2.64 12.64
CA HIS A 15 -2.59 -1.24 12.34
C HIS A 15 -3.79 -0.40 11.94
N GLY A 16 -4.98 -0.98 11.91
CA GLY A 16 -6.23 -0.25 11.74
C GLY A 16 -6.69 -0.07 10.33
N LEU A 17 -6.29 -0.91 9.38
CA LEU A 17 -6.85 -0.77 8.00
C LEU A 17 -8.18 -1.46 7.85
N ASP A 18 -8.56 -2.42 8.65
CA ASP A 18 -9.86 -3.09 8.41
C ASP A 18 -10.92 -2.03 8.52
N ASN A 19 -11.62 -1.85 7.46
CA ASN A 19 -12.75 -0.92 7.38
C ASN A 19 -12.30 0.55 7.38
N TYR A 20 -11.02 0.85 7.21
CA TYR A 20 -10.55 2.24 7.17
C TYR A 20 -11.14 2.93 5.94
N ARG A 21 -11.80 4.05 6.15
CA ARG A 21 -12.54 4.78 5.07
C ARG A 21 -13.54 3.82 4.40
N GLY A 22 -14.06 2.84 5.14
CA GLY A 22 -15.08 1.90 4.65
C GLY A 22 -14.55 0.77 3.80
N TYR A 23 -13.24 0.61 3.68
CA TYR A 23 -12.65 -0.47 2.84
C TYR A 23 -12.30 -1.65 3.73
N SER A 24 -13.01 -2.75 3.51
CA SER A 24 -12.78 -3.97 4.29
C SER A 24 -11.38 -4.46 4.14
N LEU A 25 -10.95 -5.28 5.08
CA LEU A 25 -9.58 -5.83 5.10
C LEU A 25 -9.24 -6.54 3.80
N GLY A 26 -10.17 -7.29 3.22
CA GLY A 26 -9.88 -8.01 1.99
C GLY A 26 -9.48 -7.08 0.86
N ASN A 27 -10.02 -5.88 0.82
CA ASN A 27 -9.60 -4.92 -0.21
C ASN A 27 -8.12 -4.59 -0.08
N TRP A 28 -7.65 -4.38 1.15
CA TRP A 28 -6.25 -4.02 1.41
C TRP A 28 -5.33 -5.20 1.11
N VAL A 29 -5.74 -6.41 1.46
CA VAL A 29 -4.91 -7.58 1.18
C VAL A 29 -4.85 -7.80 -0.32
N CYS A 30 -5.98 -7.70 -1.02
CA CYS A 30 -5.99 -7.84 -2.47
C CYS A 30 -5.10 -6.78 -3.12
N ALA A 31 -5.20 -5.54 -2.64
CA ALA A 31 -4.37 -4.47 -3.20
C ALA A 31 -2.89 -4.85 -3.04
N ALA A 32 -2.48 -5.27 -1.85
CA ALA A 32 -1.07 -5.62 -1.63
C ALA A 32 -0.66 -6.78 -2.52
N LYS A 33 -1.52 -7.77 -2.69
CA LYS A 33 -1.18 -8.89 -3.56
C LYS A 33 -0.79 -8.40 -4.94
N PHE A 34 -1.66 -7.59 -5.53
CA PHE A 34 -1.44 -7.22 -6.93
C PHE A 34 -0.51 -6.02 -7.10
N GLU A 35 -0.32 -5.23 -6.06
CA GLU A 35 0.68 -4.13 -6.10
C GLU A 35 2.10 -4.68 -5.96
N SER A 36 2.32 -5.54 -4.96
CA SER A 36 3.67 -5.92 -4.55
C SER A 36 3.92 -7.41 -4.50
N ASN A 37 2.89 -8.23 -4.70
CA ASN A 37 3.01 -9.65 -4.41
C ASN A 37 3.40 -9.93 -2.97
N PHE A 38 2.94 -9.08 -2.08
CA PHE A 38 3.17 -9.22 -0.65
C PHE A 38 4.61 -8.97 -0.23
N ASN A 39 5.41 -8.38 -1.11
CA ASN A 39 6.85 -8.19 -0.88
C ASN A 39 7.12 -6.76 -0.41
N THR A 40 7.56 -6.62 0.86
CA THR A 40 7.84 -5.26 1.36
C THR A 40 8.96 -4.56 0.61
N GLN A 41 9.85 -5.30 -0.06
CA GLN A 41 10.99 -4.70 -0.74
C GLN A 41 10.68 -4.30 -2.16
N ALA A 42 9.46 -4.53 -2.67
CA ALA A 42 9.15 -4.22 -4.07
C ALA A 42 9.36 -2.72 -4.36
N THR A 43 10.00 -2.46 -5.49
CA THR A 43 10.13 -1.13 -6.06
C THR A 43 9.83 -1.19 -7.55
N ASN A 44 9.17 -0.17 -8.07
CA ASN A 44 8.88 -0.16 -9.52
C ASN A 44 8.96 1.29 -10.00
N ARG A 45 9.79 1.51 -11.00
CA ARG A 45 9.95 2.84 -11.62
C ARG A 45 8.74 3.09 -12.53
N ASN A 46 8.22 4.28 -12.48
CA ASN A 46 7.11 4.72 -13.31
C ASN A 46 7.64 5.50 -14.51
N THR A 47 6.83 5.62 -15.56
N THR A 47 6.78 5.57 -15.50
CA THR A 47 7.29 6.33 -16.77
CA THR A 47 7.12 6.25 -16.74
C THR A 47 7.56 7.80 -16.46
C THR A 47 7.53 7.69 -16.44
N ASP A 48 6.83 8.38 -15.50
CA ASP A 48 7.05 9.81 -15.18
C ASP A 48 8.34 10.03 -14.42
N GLY A 49 9.11 8.99 -14.04
CA GLY A 49 10.37 9.10 -13.31
C GLY A 49 10.20 8.93 -11.84
N SER A 50 9.01 8.96 -11.29
CA SER A 50 8.77 8.57 -9.93
C SER A 50 8.96 7.08 -9.78
N THR A 51 8.94 6.61 -8.53
CA THR A 51 9.04 5.20 -8.21
C THR A 51 7.97 4.88 -7.16
N ASP A 52 7.44 3.65 -7.25
CA ASP A 52 6.50 3.12 -6.25
C ASP A 52 7.26 2.18 -5.30
N TYR A 53 6.97 2.29 -4.03
CA TYR A 53 7.75 1.62 -2.99
C TYR A 53 6.87 0.79 -2.05
N GLY A 54 7.31 -0.46 -1.84
CA GLY A 54 6.84 -1.25 -0.72
C GLY A 54 5.59 -2.03 -0.99
N ILE A 55 5.04 -2.55 0.12
N ILE A 55 5.07 -2.58 0.10
CA ILE A 55 3.91 -3.49 0.11
CA ILE A 55 3.93 -3.51 0.07
C ILE A 55 2.68 -2.92 -0.56
C ILE A 55 2.70 -2.92 -0.60
N LEU A 56 2.50 -1.59 -0.49
CA LEU A 56 1.37 -0.90 -1.12
C LEU A 56 1.84 0.05 -2.22
N GLN A 57 3.08 -0.06 -2.70
CA GLN A 57 3.50 0.65 -3.91
C GLN A 57 3.17 2.13 -3.86
N ILE A 58 3.64 2.76 -2.80
CA ILE A 58 3.42 4.19 -2.52
C ILE A 58 4.39 5.01 -3.37
N ASN A 59 3.86 6.03 -4.04
CA ASN A 59 4.56 6.75 -5.08
C ASN A 59 5.34 7.95 -4.55
N SER A 60 6.54 8.13 -5.07
CA SER A 60 7.44 9.21 -4.73
C SER A 60 7.07 10.58 -5.33
N ARG A 61 6.14 10.52 -6.31
N ARG A 61 6.12 10.71 -6.19
CA ARG A 61 5.54 11.71 -7.01
CA ARG A 61 5.89 12.12 -6.59
C ARG A 61 4.84 12.59 -5.96
C ARG A 61 5.12 12.83 -5.50
N TRP A 62 4.20 12.08 -4.88
CA TRP A 62 3.37 12.75 -3.88
C TRP A 62 3.74 12.45 -2.44
N TRP A 63 4.14 11.22 -2.15
CA TRP A 63 3.95 10.72 -0.79
C TRP A 63 5.20 10.55 0.03
N CYS A 64 6.33 10.32 -0.62
CA CYS A 64 7.58 10.05 0.08
C CYS A 64 8.71 10.70 -0.68
N ASN A 65 9.85 10.89 0.01
CA ASN A 65 11.04 11.44 -0.66
C ASN A 65 12.04 10.35 -1.03
N ASP A 66 12.40 10.30 -2.30
CA ASP A 66 13.48 9.42 -2.77
C ASP A 66 14.66 10.18 -3.36
N GLY A 67 14.63 11.50 -3.37
CA GLY A 67 15.73 12.28 -3.86
C GLY A 67 15.91 12.29 -5.36
N ARG A 68 15.09 11.63 -6.11
CA ARG A 68 15.30 11.55 -7.56
C ARG A 68 14.00 11.77 -8.32
N THR A 69 13.02 12.38 -7.72
CA THR A 69 11.72 12.63 -8.36
C THR A 69 11.51 14.15 -8.40
N PRO A 70 12.01 14.85 -9.42
CA PRO A 70 11.92 16.30 -9.42
C PRO A 70 10.52 16.82 -9.32
N GLY A 71 10.44 17.87 -8.52
CA GLY A 71 9.25 18.68 -8.46
C GLY A 71 8.20 17.88 -7.74
N SER A 72 8.54 16.80 -7.00
CA SER A 72 7.60 15.93 -6.29
C SER A 72 7.35 16.52 -4.89
N ARG A 73 6.38 15.93 -4.24
CA ARG A 73 6.07 16.22 -2.85
C ARG A 73 6.40 15.02 -1.97
N ASN A 74 6.28 15.15 -0.67
CA ASN A 74 6.58 14.21 0.43
C ASN A 74 5.48 14.38 1.48
N LEU A 75 4.27 14.05 1.09
CA LEU A 75 3.15 14.35 1.98
C LEU A 75 3.05 13.40 3.18
N CYS A 76 3.68 12.22 3.14
CA CYS A 76 3.75 11.33 4.29
C CYS A 76 4.95 11.67 5.16
N ASN A 77 5.80 12.57 4.67
N ASN A 77 5.79 12.63 4.74
CA ASN A 77 6.93 13.09 5.47
CA ASN A 77 6.99 13.12 5.46
C ASN A 77 7.81 11.91 5.87
C ASN A 77 7.91 11.96 5.86
N ILE A 78 8.27 11.16 4.88
CA ILE A 78 9.09 9.98 5.16
C ILE A 78 10.03 9.76 3.97
N PRO A 79 11.23 9.19 4.19
CA PRO A 79 12.00 8.72 3.07
C PRO A 79 11.28 7.48 2.48
N CYS A 80 11.33 7.37 1.17
CA CYS A 80 10.68 6.23 0.52
C CYS A 80 11.26 4.92 1.00
N SER A 81 12.56 4.88 1.33
CA SER A 81 13.16 3.65 1.85
C SER A 81 12.46 3.10 3.11
N ALA A 82 11.87 4.00 3.90
CA ALA A 82 11.06 3.58 5.09
C ALA A 82 9.92 2.65 4.72
N LEU A 83 9.48 2.79 3.54
CA LEU A 83 8.34 2.02 3.05
C LEU A 83 8.74 0.61 2.63
N LEU A 84 10.03 0.26 2.73
CA LEU A 84 10.51 -1.06 2.32
C LEU A 84 10.82 -1.96 3.50
N SER A 85 10.56 -1.49 4.70
N SER A 85 10.58 -1.46 4.70
CA SER A 85 10.89 -2.21 5.94
CA SER A 85 10.80 -2.15 5.99
C SER A 85 9.98 -3.42 6.14
C SER A 85 10.02 -3.48 6.05
N SER A 86 10.51 -4.43 6.82
CA SER A 86 9.72 -5.59 7.19
C SER A 86 8.54 -5.18 8.07
N ASP A 87 8.66 -4.11 8.80
CA ASP A 87 7.62 -3.51 9.65
C ASP A 87 6.77 -2.62 8.76
N ILE A 88 5.47 -2.89 8.64
CA ILE A 88 4.61 -2.16 7.68
C ILE A 88 4.01 -0.91 8.29
N THR A 89 4.40 -0.49 9.49
CA THR A 89 3.78 0.66 10.14
C THR A 89 3.79 1.89 9.22
N ALA A 90 4.93 2.25 8.69
CA ALA A 90 5.06 3.47 7.89
C ALA A 90 4.20 3.37 6.63
N SER A 91 4.18 2.22 5.97
CA SER A 91 3.32 2.07 4.80
C SER A 91 1.85 2.22 5.15
N VAL A 92 1.43 1.63 6.27
CA VAL A 92 0.02 1.76 6.65
C VAL A 92 -0.32 3.18 7.00
N ASN A 93 0.51 3.87 7.76
CA ASN A 93 0.18 5.28 8.10
C ASN A 93 0.09 6.08 6.82
N CYS A 94 0.97 5.89 5.87
CA CYS A 94 0.92 6.68 4.63
C CYS A 94 -0.31 6.27 3.81
N ALA A 95 -0.63 4.98 3.73
CA ALA A 95 -1.82 4.53 3.00
C ALA A 95 -3.09 5.16 3.59
N LYS A 96 -3.16 5.35 4.88
CA LYS A 96 -4.34 6.00 5.46
C LYS A 96 -4.45 7.43 4.93
N LYS A 97 -3.36 8.15 4.76
N LYS A 97 -3.36 8.16 4.75
CA LYS A 97 -3.40 9.50 4.16
CA LYS A 97 -3.46 9.49 4.17
C LYS A 97 -3.84 9.41 2.71
C LYS A 97 -3.85 9.41 2.70
N ILE A 98 -3.27 8.48 1.96
CA ILE A 98 -3.58 8.36 0.53
C ILE A 98 -5.10 8.11 0.32
N VAL A 99 -5.64 7.16 1.06
CA VAL A 99 -7.02 6.73 0.83
C VAL A 99 -7.99 7.79 1.30
N SER A 100 -7.57 8.72 2.12
CA SER A 100 -8.37 9.84 2.61
C SER A 100 -8.42 10.99 1.58
N ASP A 101 -7.52 10.99 0.56
CA ASP A 101 -7.16 12.12 -0.35
C ASP A 101 -8.26 12.53 -1.31
N GLY A 102 -9.27 11.73 -1.54
CA GLY A 102 -10.43 12.08 -2.41
C GLY A 102 -10.91 10.95 -3.40
N ASN A 103 -10.03 10.15 -3.97
CA ASN A 103 -10.43 9.04 -4.86
C ASN A 103 -10.38 7.70 -4.14
N GLY A 104 -10.22 7.72 -2.83
CA GLY A 104 -10.27 6.43 -2.11
C GLY A 104 -9.24 5.45 -2.62
N MET A 105 -9.62 4.19 -2.68
CA MET A 105 -8.65 3.19 -3.09
C MET A 105 -8.38 3.20 -4.58
N ASN A 106 -9.09 4.01 -5.36
CA ASN A 106 -8.76 4.14 -6.78
C ASN A 106 -7.36 4.70 -6.99
N ALA A 107 -6.74 5.26 -5.95
CA ALA A 107 -5.31 5.66 -5.97
C ALA A 107 -4.39 4.47 -6.28
N TRP A 108 -4.79 3.28 -5.99
CA TRP A 108 -4.03 2.04 -6.28
C TRP A 108 -4.54 1.44 -7.54
N VAL A 109 -3.75 1.55 -8.62
CA VAL A 109 -4.19 1.08 -9.92
C VAL A 109 -4.43 -0.39 -9.89
N ALA A 110 -3.63 -1.17 -9.21
CA ALA A 110 -3.89 -2.62 -9.21
C ALA A 110 -5.18 -2.91 -8.46
N TRP A 111 -5.49 -2.16 -7.40
CA TRP A 111 -6.79 -2.35 -6.75
C TRP A 111 -7.94 -2.06 -7.71
N ARG A 112 -7.87 -0.94 -8.38
CA ARG A 112 -8.94 -0.57 -9.29
C ARG A 112 -9.11 -1.65 -10.36
N ASN A 113 -8.03 -2.10 -10.95
CA ASN A 113 -8.13 -3.00 -12.11
C ASN A 113 -8.31 -4.46 -11.76
N ARG A 114 -7.93 -4.87 -10.54
CA ARG A 114 -7.89 -6.30 -10.21
C ARG A 114 -8.68 -6.68 -8.96
N CYS A 115 -9.07 -5.71 -8.12
CA CYS A 115 -9.75 -6.00 -6.86
C CYS A 115 -11.15 -5.37 -6.81
N LYS A 116 -11.30 -4.15 -7.24
CA LYS A 116 -12.57 -3.43 -7.15
C LYS A 116 -13.67 -4.24 -7.82
N GLY A 117 -14.76 -4.46 -7.12
CA GLY A 117 -15.93 -5.17 -7.66
C GLY A 117 -15.82 -6.66 -7.59
N THR A 118 -14.73 -7.21 -7.10
CA THR A 118 -14.52 -8.63 -7.01
C THR A 118 -14.84 -9.10 -5.57
N ASP A 119 -14.80 -10.41 -5.38
CA ASP A 119 -15.05 -11.02 -4.07
C ASP A 119 -13.78 -10.89 -3.23
N VAL A 120 -13.54 -9.73 -2.66
CA VAL A 120 -12.25 -9.44 -1.97
C VAL A 120 -12.18 -10.18 -0.65
N GLN A 121 -13.30 -10.63 -0.13
CA GLN A 121 -13.29 -11.40 1.13
C GLN A 121 -12.54 -12.71 0.94
N ALA A 122 -12.42 -13.24 -0.29
CA ALA A 122 -11.62 -14.45 -0.54
C ALA A 122 -10.18 -14.27 -0.02
N TRP A 123 -9.68 -13.04 -0.07
CA TRP A 123 -8.28 -12.79 0.31
C TRP A 123 -8.03 -13.02 1.79
N ILE A 124 -9.06 -13.03 2.61
CA ILE A 124 -8.91 -13.27 4.07
C ILE A 124 -9.52 -14.61 4.44
N ARG A 125 -9.94 -15.40 3.48
CA ARG A 125 -10.55 -16.70 3.79
C ARG A 125 -9.58 -17.56 4.58
N GLY A 126 -10.06 -18.13 5.66
CA GLY A 126 -9.26 -19.01 6.49
C GLY A 126 -8.34 -18.33 7.48
N CYS A 127 -8.19 -17.03 7.41
CA CYS A 127 -7.31 -16.35 8.31
C CYS A 127 -7.96 -16.22 9.67
N ARG A 128 -7.16 -16.25 10.72
N ARG A 128 -7.17 -16.44 10.71
CA ARG A 128 -7.61 -16.20 12.15
CA ARG A 128 -7.56 -16.16 12.11
C ARG A 128 -7.61 -14.75 12.65
C ARG A 128 -7.45 -14.66 12.36
N LEU A 129 -8.64 -14.01 12.29
CA LEU A 129 -8.82 -12.59 12.58
C LEU A 129 -10.12 -12.47 13.44
NA NA B . 8.70 12.86 -3.48
N1 EPE C . 1.55 4.46 -11.59
C2 EPE C . 2.18 5.22 -10.48
C3 EPE C . 1.35 5.17 -9.21
N4 EPE C . 1.14 3.79 -8.82
C5 EPE C . 0.54 3.06 -9.94
C6 EPE C . 1.33 3.10 -11.19
C7 EPE C . 0.29 3.72 -7.63
C8 EPE C . 0.10 2.36 -7.02
O8 EPE C . -0.95 1.77 -7.79
C9 EPE C . 2.42 4.42 -12.76
C10 EPE C . 2.33 5.67 -13.53
S EPE C . 3.21 5.60 -15.03
O1S EPE C . 2.14 5.64 -16.01
O2S EPE C . 3.94 4.30 -15.16
O3S EPE C . 4.02 6.86 -14.96
O1 VTU D . 1.10 -19.41 6.73
C2 VTU D . 2.29 -19.44 6.23
C3 VTU D . 3.27 -20.54 6.22
C5 VTU D . 4.58 -20.39 5.69
C6 VTU D . 4.65 -16.97 4.31
V VTU D . 0.32 -17.50 6.33
O2 VTU D . 2.02 -17.28 5.48
O3 VTU D . -0.42 -18.27 4.75
O4 VTU D . -1.39 -18.31 7.06
O5 VTU D . -0.27 -15.95 5.96
O6 VTU D . 0.96 -17.09 7.98
C1 VTU D . 2.84 -18.28 5.55
C4 VTU D . 4.15 -18.13 5.00
NA1 VTU D . 5.02 -19.25 5.10
CN1 VTU D . 6.32 -19.16 4.56
C7 VTU D . 4.42 -16.82 2.93
C8 VTU D . -2.15 -18.83 6.24
C9 VTU D . -1.66 -18.86 4.91
C10 VTU D . -2.42 -19.46 3.91
C11 VTU D . -3.37 -19.35 6.63
C12 VTU D . -3.72 -19.98 4.31
NA2 VTU D . -4.18 -19.86 5.62
CN2 VTU D . -5.47 -20.41 5.91
C13 VTU D . -3.93 -19.28 7.97
C14 VTU D . -3.50 -20.36 8.75
C8 VTZ E . -9.08 -18.05 -3.32
C9 VTZ E . -9.50 -17.19 -4.37
C10 VTZ E . -8.90 -15.95 -4.55
C11 VTZ E . -8.07 -17.58 -2.52
C12 VTZ E . -7.85 -15.50 -3.73
C13 VTZ E . -7.58 -18.33 -1.47
C14 VTZ E . -8.60 -18.61 -0.58
O2 VTZ E . -12.22 -18.90 -6.19
O3 VTZ E . -10.49 -17.53 -5.23
V VTZ E . -11.16 -19.04 -4.89
O4 VTZ E . -9.82 -18.96 -3.44
O6 VTZ E . -11.74 -20.58 -4.43
NA2 VTZ E . -7.42 -16.34 -2.68
CN2 VTZ E . -6.42 -16.03 -1.81
O1 VTZ E . -10.01 -19.75 -5.87
#